data_6YQD
#
_entry.id   6YQD
#
_cell.length_a   37.921
_cell.length_b   74.113
_cell.length_c   77.249
_cell.angle_alpha   90.000
_cell.angle_beta   90.000
_cell.angle_gamma   90.000
#
_symmetry.space_group_name_H-M   'P 21 21 21'
#
loop_
_entity.id
_entity.type
_entity.pdbx_description
1 polymer 'Histidine triad nucleotide-binding protein 2, mitochondrial'
2 non-polymer 'POTASSIUM ION'
3 water water
#
_entity_poly.entity_id   1
_entity_poly.type   'polypeptide(L)'
_entity_poly.pdbx_seq_one_letter_code
;MAAAVVLAAGLRAARRAVAATGVRGGQVRGAAGVTDGNEVAKAQQATPGGAAPTIFSRILDKSLPADILYEDQQCLVFRD
VAPQAPVHFLVIPKKPIPRISQAEEEDQQLLGHLLLVAKQTAKAEGLGDGYRLVINDGKLGAQSVYHLHIHVLGGRQLQW
PPG
;
_entity_poly.pdbx_strand_id   AAA,BBB
#
loop_
_chem_comp.id
_chem_comp.type
_chem_comp.name
_chem_comp.formula
K non-polymer 'POTASSIUM ION' 'K 1'
#
# COMPACT_ATOMS: atom_id res chain seq x y z
N ASP A 61 9.56 -24.78 5.85
CA ASP A 61 10.74 -24.01 5.38
C ASP A 61 11.24 -23.10 6.53
N LYS A 62 12.36 -23.46 7.15
CA LYS A 62 12.94 -22.64 8.23
C LYS A 62 13.72 -21.51 7.54
N SER A 63 13.47 -20.29 7.96
N SER A 63 13.50 -20.27 7.97
CA SER A 63 14.26 -19.12 7.47
CA SER A 63 14.27 -19.12 7.45
C SER A 63 15.72 -19.26 7.94
C SER A 63 15.67 -19.09 8.06
N LEU A 64 16.60 -18.49 7.33
CA LEU A 64 18.01 -18.27 7.73
C LEU A 64 18.20 -16.79 8.01
N PRO A 65 19.26 -16.41 8.75
CA PRO A 65 19.48 -14.99 9.05
C PRO A 65 19.56 -14.12 7.78
N ALA A 66 20.07 -14.66 6.67
CA ALA A 66 20.17 -13.88 5.43
C ALA A 66 18.80 -13.59 4.84
N ASP A 67 17.74 -14.23 5.31
CA ASP A 67 16.37 -13.91 4.89
C ASP A 67 15.93 -12.57 5.44
N ILE A 68 16.65 -11.99 6.42
CA ILE A 68 16.47 -10.60 6.83
C ILE A 68 17.23 -9.75 5.80
N LEU A 69 16.46 -9.05 4.96
CA LEU A 69 17.03 -8.20 3.90
C LEU A 69 17.47 -6.82 4.39
N TYR A 70 16.88 -6.37 5.48
CA TYR A 70 17.10 -5.01 5.98
C TYR A 70 16.62 -5.00 7.41
N GLU A 71 17.32 -4.28 8.26
CA GLU A 71 16.88 -4.03 9.64
C GLU A 71 17.38 -2.64 10.04
N ASP A 72 16.56 -1.94 10.80
CA ASP A 72 16.98 -0.70 11.48
C ASP A 72 16.22 -0.62 12.79
N GLN A 73 16.35 0.55 13.41
N GLN A 73 16.28 0.50 13.50
CA GLN A 73 15.73 0.89 14.71
CA GLN A 73 15.65 0.53 14.85
C GLN A 73 14.21 0.71 14.62
C GLN A 73 14.12 0.52 14.70
N GLN A 74 13.60 0.88 13.44
N GLN A 74 13.62 0.79 13.48
CA GLN A 74 12.13 0.93 13.39
CA GLN A 74 12.17 0.96 13.25
C GLN A 74 11.49 -0.28 12.68
C GLN A 74 11.49 -0.29 12.69
N CYS A 75 12.23 -1.12 11.96
CA CYS A 75 11.60 -2.14 11.14
C CYS A 75 12.54 -3.29 10.83
N LEU A 76 11.92 -4.39 10.37
N LEU A 76 11.95 -4.32 10.25
CA LEU A 76 12.58 -5.59 9.80
CA LEU A 76 12.62 -5.57 9.84
C LEU A 76 11.99 -5.86 8.43
C LEU A 76 11.99 -5.97 8.52
N VAL A 77 12.82 -6.38 7.56
CA VAL A 77 12.33 -6.82 6.21
C VAL A 77 12.78 -8.26 6.07
N PHE A 78 11.89 -9.19 5.75
CA PHE A 78 12.29 -10.60 5.65
C PHE A 78 11.54 -11.29 4.54
N ARG A 79 12.20 -12.26 3.94
CA ARG A 79 11.59 -13.03 2.84
C ARG A 79 10.39 -13.78 3.38
N ASP A 80 9.34 -13.94 2.56
CA ASP A 80 8.21 -14.83 2.89
C ASP A 80 8.60 -16.26 2.54
N VAL A 81 8.60 -17.18 3.54
CA VAL A 81 8.92 -18.61 3.31
C VAL A 81 7.77 -19.32 2.61
N ALA A 82 6.62 -18.66 2.34
CA ALA A 82 5.51 -19.20 1.54
C ALA A 82 5.29 -18.25 0.39
N PRO A 83 6.30 -18.07 -0.48
CA PRO A 83 6.22 -16.96 -1.46
C PRO A 83 5.13 -17.19 -2.51
N GLN A 84 4.54 -16.07 -2.92
CA GLN A 84 3.49 -16.04 -3.94
C GLN A 84 4.03 -15.48 -5.27
N ALA A 85 5.33 -15.16 -5.33
CA ALA A 85 6.00 -14.60 -6.52
C ALA A 85 7.47 -14.91 -6.40
N PRO A 86 8.22 -14.82 -7.48
CA PRO A 86 9.64 -15.12 -7.43
C PRO A 86 10.41 -14.29 -6.39
N VAL A 87 9.96 -13.07 -6.19
CA VAL A 87 10.39 -12.22 -5.07
C VAL A 87 9.17 -11.91 -4.24
N HIS A 88 9.26 -12.24 -2.95
CA HIS A 88 8.13 -11.97 -2.03
C HIS A 88 8.74 -11.73 -0.66
N PHE A 89 8.69 -10.49 -0.19
CA PHE A 89 9.22 -10.15 1.16
C PHE A 89 8.21 -9.33 1.91
N LEU A 90 8.51 -9.18 3.20
CA LEU A 90 7.58 -8.69 4.24
C LEU A 90 8.29 -7.58 5.00
N VAL A 91 7.67 -6.43 5.12
CA VAL A 91 8.16 -5.31 5.90
C VAL A 91 7.28 -5.16 7.13
N ILE A 92 7.91 -5.24 8.31
CA ILE A 92 7.18 -5.11 9.58
C ILE A 92 7.80 -4.02 10.42
N PRO A 93 6.97 -3.27 11.16
CA PRO A 93 7.52 -2.38 12.19
C PRO A 93 7.97 -3.23 13.44
N LYS A 94 8.94 -2.70 14.16
CA LYS A 94 9.29 -3.24 15.46
C LYS A 94 8.26 -2.85 16.52
N LYS A 95 7.63 -1.68 16.41
CA LYS A 95 6.50 -1.33 17.26
C LYS A 95 5.39 -2.30 17.02
N PRO A 96 4.75 -2.81 18.08
CA PRO A 96 3.68 -3.79 17.84
C PRO A 96 2.30 -3.30 17.46
N ILE A 97 2.22 -2.85 16.26
CA ILE A 97 0.93 -2.38 15.70
C ILE A 97 0.26 -3.63 15.16
N PRO A 98 -0.91 -4.07 15.65
CA PRO A 98 -1.43 -5.39 15.26
C PRO A 98 -1.99 -5.45 13.85
N ARG A 99 -2.49 -4.31 13.39
CA ARG A 99 -3.20 -4.28 12.10
C ARG A 99 -3.25 -2.83 11.69
N ILE A 100 -3.33 -2.59 10.36
CA ILE A 100 -3.34 -1.20 9.91
C ILE A 100 -4.53 -0.42 10.45
N SER A 101 -5.67 -1.06 10.67
CA SER A 101 -6.86 -0.36 11.21
C SER A 101 -6.61 0.12 12.65
N GLN A 102 -5.55 -0.35 13.28
CA GLN A 102 -5.21 0.07 14.66
C GLN A 102 -4.00 1.01 14.70
N ALA A 103 -3.48 1.42 13.56
CA ALA A 103 -2.46 2.49 13.53
C ALA A 103 -3.11 3.81 13.93
N GLU A 104 -2.31 4.71 14.49
CA GLU A 104 -2.83 6.00 14.97
C GLU A 104 -1.95 7.12 14.45
N GLU A 105 -2.35 8.35 14.73
CA GLU A 105 -1.65 9.55 14.20
C GLU A 105 -0.17 9.53 14.55
N GLU A 106 0.16 9.02 15.77
N GLU A 106 0.18 9.04 15.76
CA GLU A 106 1.55 9.02 16.26
CA GLU A 106 1.58 9.03 16.24
C GLU A 106 2.42 8.12 15.36
C GLU A 106 2.43 8.14 15.32
N ASP A 107 1.79 7.25 14.55
CA ASP A 107 2.47 6.29 13.67
C ASP A 107 2.74 6.84 12.27
N GLN A 108 2.41 8.10 12.03
CA GLN A 108 2.49 8.63 10.66
C GLN A 108 3.92 8.48 10.08
N GLN A 109 4.94 8.94 10.79
N GLN A 109 4.94 8.96 10.79
CA GLN A 109 6.31 8.90 10.23
CA GLN A 109 6.33 8.90 10.29
C GLN A 109 6.74 7.45 10.08
C GLN A 109 6.73 7.45 10.08
N LEU A 110 6.41 6.57 11.04
CA LEU A 110 6.73 5.14 10.91
C LEU A 110 6.13 4.52 9.65
N LEU A 111 4.85 4.82 9.41
CA LEU A 111 4.18 4.24 8.25
C LEU A 111 4.85 4.71 6.96
N GLY A 112 5.20 5.98 6.87
CA GLY A 112 5.92 6.44 5.70
C GLY A 112 7.28 5.80 5.54
N HIS A 113 7.99 5.62 6.66
CA HIS A 113 9.29 4.92 6.66
C HIS A 113 9.11 3.49 6.14
N LEU A 114 8.07 2.78 6.57
CA LEU A 114 7.89 1.39 6.08
C LEU A 114 7.73 1.37 4.55
N LEU A 115 6.94 2.31 4.02
CA LEU A 115 6.77 2.39 2.57
C LEU A 115 8.07 2.72 1.84
N LEU A 116 8.86 3.64 2.36
CA LEU A 116 10.16 3.94 1.75
C LEU A 116 11.10 2.76 1.82
N VAL A 117 11.11 2.08 2.96
CA VAL A 117 11.94 0.84 3.06
C VAL A 117 11.47 -0.22 2.04
N ALA A 118 10.15 -0.39 1.91
CA ALA A 118 9.59 -1.34 0.92
C ALA A 118 10.13 -1.02 -0.50
N LYS A 119 10.04 0.26 -0.88
CA LYS A 119 10.42 0.63 -2.27
C LYS A 119 11.94 0.53 -2.42
N GLN A 120 12.75 0.86 -1.42
N GLN A 120 12.67 0.91 -1.38
CA GLN A 120 14.21 0.74 -1.60
CA GLN A 120 14.15 0.83 -1.34
C GLN A 120 14.57 -0.74 -1.67
C GLN A 120 14.57 -0.62 -1.56
N THR A 121 13.93 -1.56 -0.85
CA THR A 121 14.23 -3.02 -0.89
C THR A 121 13.80 -3.59 -2.25
N ALA A 122 12.68 -3.16 -2.76
CA ALA A 122 12.26 -3.63 -4.09
C ALA A 122 13.35 -3.27 -5.14
N LYS A 123 13.96 -2.08 -5.09
N LYS A 123 13.96 -2.11 -5.05
CA LYS A 123 15.11 -1.75 -5.99
CA LYS A 123 15.06 -1.79 -6.00
C LYS A 123 16.23 -2.77 -5.79
C LYS A 123 16.24 -2.75 -5.78
N ALA A 124 16.57 -3.02 -4.51
CA ALA A 124 17.71 -3.89 -4.15
C ALA A 124 17.49 -5.29 -4.69
N GLU A 125 16.22 -5.71 -4.71
CA GLU A 125 15.83 -7.07 -5.15
C GLU A 125 15.60 -7.11 -6.65
N GLY A 126 15.83 -6.01 -7.38
CA GLY A 126 15.79 -6.13 -8.84
C GLY A 126 14.37 -6.01 -9.43
N LEU A 127 13.44 -5.34 -8.75
CA LEU A 127 12.03 -5.23 -9.17
C LEU A 127 11.77 -4.00 -10.04
N GLY A 128 12.70 -3.68 -10.92
CA GLY A 128 12.54 -2.49 -11.77
C GLY A 128 11.40 -2.56 -12.79
N ASP A 129 10.96 -3.77 -13.12
N ASP A 129 10.94 -3.70 -13.33
CA ASP A 129 9.89 -3.95 -14.14
CA ASP A 129 9.76 -3.67 -14.28
C ASP A 129 8.52 -3.83 -13.48
C ASP A 129 8.47 -3.83 -13.48
N GLY A 130 8.49 -3.68 -12.15
CA GLY A 130 7.25 -3.45 -11.42
C GLY A 130 7.07 -4.49 -10.27
N TYR A 131 6.09 -4.17 -9.42
CA TYR A 131 5.84 -4.92 -8.20
C TYR A 131 4.55 -4.46 -7.59
N ARG A 132 4.13 -5.19 -6.56
CA ARG A 132 2.90 -4.85 -5.85
C ARG A 132 3.17 -4.82 -4.35
N LEU A 133 2.60 -3.85 -3.66
CA LEU A 133 2.62 -3.75 -2.19
C LEU A 133 1.22 -4.04 -1.70
N VAL A 134 1.11 -4.89 -0.69
CA VAL A 134 -0.18 -5.32 -0.15
C VAL A 134 -0.19 -5.25 1.39
N ILE A 135 -1.22 -4.67 1.95
CA ILE A 135 -1.46 -4.73 3.41
C ILE A 135 -2.84 -5.33 3.60
N ASN A 136 -2.89 -6.41 4.37
CA ASN A 136 -4.14 -7.10 4.71
C ASN A 136 -4.60 -6.66 6.08
N ASP A 137 -5.89 -6.41 6.23
CA ASP A 137 -6.51 -6.11 7.53
C ASP A 137 -7.64 -7.11 7.77
N GLY A 138 -7.53 -7.79 8.93
CA GLY A 138 -8.65 -8.63 9.36
C GLY A 138 -8.93 -9.86 8.55
N LYS A 139 -10.03 -10.52 8.89
N LYS A 139 -10.02 -10.53 8.92
CA LYS A 139 -10.38 -11.81 8.24
CA LYS A 139 -10.42 -11.78 8.25
C LYS A 139 -10.72 -11.59 6.75
C LYS A 139 -10.63 -11.53 6.74
N LEU A 140 -11.41 -10.50 6.40
CA LEU A 140 -11.80 -10.33 4.99
C LEU A 140 -10.57 -9.92 4.18
N GLY A 141 -9.57 -9.33 4.80
CA GLY A 141 -8.32 -9.04 4.10
C GLY A 141 -7.36 -10.21 3.95
N ALA A 142 -7.69 -11.33 4.60
CA ALA A 142 -6.83 -12.50 4.65
C ALA A 142 -5.56 -12.25 5.48
N GLN A 143 -5.68 -11.39 6.49
CA GLN A 143 -4.55 -11.11 7.38
C GLN A 143 -4.21 -12.41 8.15
N SER A 144 -2.96 -12.88 8.03
CA SER A 144 -2.56 -14.18 8.59
C SER A 144 -1.94 -14.07 9.98
N VAL A 145 -1.30 -12.99 10.29
CA VAL A 145 -0.61 -12.73 11.56
C VAL A 145 -1.01 -11.35 12.02
N TYR A 146 -1.41 -11.22 13.30
CA TYR A 146 -1.92 -9.96 13.84
C TYR A 146 -0.75 -9.10 14.31
N HIS A 147 0.09 -8.78 13.34
CA HIS A 147 1.12 -7.75 13.40
C HIS A 147 1.16 -7.10 12.02
N LEU A 148 1.41 -5.81 11.94
CA LEU A 148 1.40 -5.14 10.60
C LEU A 148 2.53 -5.68 9.73
N HIS A 149 2.14 -6.13 8.54
CA HIS A 149 3.05 -6.59 7.47
C HIS A 149 2.71 -5.87 6.14
N ILE A 150 3.74 -5.35 5.50
CA ILE A 150 3.61 -4.92 4.09
C ILE A 150 4.22 -6.03 3.24
N HIS A 151 3.40 -6.67 2.40
CA HIS A 151 3.91 -7.64 1.44
C HIS A 151 4.41 -6.89 0.20
N VAL A 152 5.54 -7.34 -0.32
CA VAL A 152 6.11 -6.85 -1.58
C VAL A 152 6.28 -8.08 -2.47
N LEU A 153 5.64 -8.05 -3.64
CA LEU A 153 5.66 -9.15 -4.59
C LEU A 153 6.17 -8.65 -5.95
N GLY A 154 7.06 -9.37 -6.54
CA GLY A 154 7.55 -9.06 -7.87
C GLY A 154 8.17 -10.24 -8.56
N GLY A 155 8.64 -9.98 -9.79
CA GLY A 155 9.33 -11.01 -10.56
C GLY A 155 8.42 -11.82 -11.44
N ARG A 156 7.11 -11.48 -11.47
CA ARG A 156 6.11 -12.09 -12.35
C ARG A 156 5.06 -11.02 -12.61
N GLN A 157 4.26 -11.25 -13.64
CA GLN A 157 3.09 -10.37 -13.83
C GLN A 157 2.08 -10.61 -12.74
N LEU A 158 1.75 -9.56 -12.03
CA LEU A 158 0.64 -9.59 -11.06
C LEU A 158 -0.66 -9.31 -11.80
N GLN A 159 -1.72 -10.01 -11.40
CA GLN A 159 -3.03 -9.97 -12.07
C GLN A 159 -3.90 -8.91 -11.42
N TRP A 160 -5.08 -8.76 -11.99
CA TRP A 160 -6.07 -7.81 -11.48
C TRP A 160 -7.40 -8.53 -11.64
N PRO A 161 -8.26 -8.59 -10.59
CA PRO A 161 -8.11 -7.95 -9.28
C PRO A 161 -7.03 -8.55 -8.41
N PRO A 162 -6.65 -7.83 -7.34
CA PRO A 162 -5.55 -8.26 -6.46
C PRO A 162 -6.07 -9.19 -5.35
N GLY A 163 -6.58 -10.33 -5.74
CA GLY A 163 -7.39 -11.17 -4.85
C GLY A 163 -8.82 -10.65 -4.76
N ALA B 52 1.47 15.19 -20.48
CA ALA B 52 1.86 14.47 -19.23
C ALA B 52 0.64 14.12 -18.37
N PRO B 53 -0.41 14.99 -18.22
CA PRO B 53 -1.29 14.72 -17.09
C PRO B 53 -2.11 13.44 -17.23
N THR B 54 -2.22 12.59 -16.22
CA THR B 54 -3.09 11.41 -16.22
C THR B 54 -4.56 11.81 -15.98
N ILE B 55 -5.48 10.85 -16.12
CA ILE B 55 -6.88 11.10 -15.85
C ILE B 55 -7.11 11.59 -14.40
N PHE B 56 -6.23 11.24 -13.47
CA PHE B 56 -6.39 11.74 -12.08
C PHE B 56 -6.35 13.26 -12.01
N SER B 57 -5.70 13.89 -12.98
N SER B 57 -5.70 13.90 -12.99
N SER B 57 -5.68 13.91 -12.99
CA SER B 57 -5.67 15.34 -12.96
CA SER B 57 -5.67 15.37 -13.05
CA SER B 57 -5.65 15.38 -13.16
C SER B 57 -7.11 15.89 -13.09
C SER B 57 -7.12 15.90 -13.09
C SER B 57 -7.09 15.91 -13.13
N ARG B 58 -7.99 15.20 -13.82
CA ARG B 58 -9.40 15.64 -13.93
C ARG B 58 -10.16 15.39 -12.64
N ILE B 59 -9.79 14.32 -11.94
CA ILE B 59 -10.43 14.06 -10.64
C ILE B 59 -10.00 15.16 -9.65
N LEU B 60 -8.71 15.50 -9.64
CA LEU B 60 -8.18 16.56 -8.75
C LEU B 60 -8.75 17.92 -9.06
N ASP B 61 -8.86 18.24 -10.36
CA ASP B 61 -9.35 19.56 -10.74
C ASP B 61 -10.88 19.63 -10.83
N LYS B 62 -11.54 18.54 -10.53
CA LYS B 62 -13.02 18.45 -10.39
C LYS B 62 -13.70 18.62 -11.77
N SER B 63 -12.95 18.42 -12.85
CA SER B 63 -13.56 18.41 -14.20
C SER B 63 -14.26 17.10 -14.51
N LEU B 64 -13.87 16.01 -13.87
CA LEU B 64 -14.49 14.67 -13.96
C LEU B 64 -15.16 14.45 -12.63
N PRO B 65 -16.51 14.39 -12.57
CA PRO B 65 -17.16 14.19 -11.30
C PRO B 65 -16.80 12.82 -10.76
N ALA B 66 -16.51 12.80 -9.48
CA ALA B 66 -16.17 11.57 -8.78
C ALA B 66 -16.90 11.58 -7.45
N ASP B 67 -17.04 10.39 -6.87
CA ASP B 67 -17.63 10.28 -5.53
C ASP B 67 -16.49 10.43 -4.52
N ILE B 68 -16.32 11.65 -4.05
CA ILE B 68 -15.21 12.04 -3.19
C ILE B 68 -15.58 11.73 -1.73
N LEU B 69 -14.73 10.94 -1.10
CA LEU B 69 -14.97 10.48 0.31
C LEU B 69 -14.23 11.36 1.32
N TYR B 70 -13.15 11.99 0.92
CA TYR B 70 -12.27 12.78 1.81
C TYR B 70 -11.37 13.63 0.92
N GLU B 71 -11.10 14.86 1.36
CA GLU B 71 -10.12 15.71 0.71
C GLU B 71 -9.47 16.61 1.74
N ASP B 72 -8.17 16.79 1.58
CA ASP B 72 -7.47 17.84 2.30
C ASP B 72 -6.41 18.41 1.36
N GLN B 73 -5.54 19.26 1.87
N GLN B 73 -5.55 19.29 1.84
CA GLN B 73 -4.56 19.96 0.99
CA GLN B 73 -4.56 19.94 0.94
C GLN B 73 -3.43 19.01 0.54
C GLN B 73 -3.59 18.90 0.37
N GLN B 74 -3.38 17.77 1.05
CA GLN B 74 -2.38 16.80 0.63
C GLN B 74 -2.91 15.64 -0.20
N CYS B 75 -4.22 15.38 -0.16
CA CYS B 75 -4.70 14.13 -0.78
C CYS B 75 -6.18 14.22 -1.10
N LEU B 76 -6.62 13.25 -1.89
N LEU B 76 -6.62 13.26 -1.90
CA LEU B 76 -8.01 13.09 -2.33
CA LEU B 76 -8.03 13.11 -2.26
C LEU B 76 -8.36 11.61 -2.33
C LEU B 76 -8.36 11.63 -2.28
N VAL B 77 -9.57 11.32 -1.86
CA VAL B 77 -10.04 9.92 -1.80
C VAL B 77 -11.34 9.86 -2.60
N PHE B 78 -11.45 8.88 -3.50
CA PHE B 78 -12.66 8.79 -4.32
C PHE B 78 -12.91 7.32 -4.69
N ARG B 79 -14.19 7.06 -4.98
CA ARG B 79 -14.60 5.71 -5.38
C ARG B 79 -14.01 5.34 -6.75
N ASP B 80 -13.58 4.10 -6.86
CA ASP B 80 -13.11 3.55 -8.16
C ASP B 80 -14.36 3.35 -9.05
N VAL B 81 -14.30 3.80 -10.30
CA VAL B 81 -15.47 3.58 -11.20
C VAL B 81 -15.41 2.23 -11.86
N ALA B 82 -14.33 1.44 -11.68
CA ALA B 82 -14.27 0.05 -12.16
C ALA B 82 -14.03 -0.84 -10.95
N PRO B 83 -14.99 -0.86 -10.00
CA PRO B 83 -14.68 -1.47 -8.70
C PRO B 83 -14.48 -2.98 -8.80
N GLN B 84 -13.57 -3.45 -7.99
CA GLN B 84 -13.20 -4.89 -7.90
C GLN B 84 -13.71 -5.50 -6.58
N ALA B 85 -14.40 -4.70 -5.77
CA ALA B 85 -14.99 -5.18 -4.52
C ALA B 85 -16.21 -4.30 -4.26
N PRO B 86 -17.07 -4.70 -3.34
CA PRO B 86 -18.24 -3.90 -3.04
C PRO B 86 -17.94 -2.47 -2.55
N VAL B 87 -16.83 -2.36 -1.82
CA VAL B 87 -16.22 -1.06 -1.51
C VAL B 87 -14.83 -1.05 -2.16
N HIS B 88 -14.58 -0.07 -3.03
CA HIS B 88 -13.28 0.05 -3.67
C HIS B 88 -13.05 1.51 -3.93
N PHE B 89 -12.12 2.12 -3.20
CA PHE B 89 -11.78 3.53 -3.31
C PHE B 89 -10.26 3.66 -3.46
N LEU B 90 -9.88 4.85 -3.89
CA LEU B 90 -8.50 5.21 -4.15
C LEU B 90 -8.12 6.42 -3.32
N VAL B 91 -6.93 6.29 -2.73
CA VAL B 91 -6.32 7.40 -1.99
C VAL B 91 -5.13 7.90 -2.80
N ILE B 92 -5.18 9.16 -3.20
CA ILE B 92 -4.12 9.73 -4.06
C ILE B 92 -3.54 10.98 -3.41
N PRO B 93 -2.21 11.19 -3.53
CA PRO B 93 -1.64 12.49 -3.18
C PRO B 93 -2.01 13.55 -4.21
N LYS B 94 -2.02 14.81 -3.80
CA LYS B 94 -2.13 15.92 -4.74
C LYS B 94 -0.80 16.15 -5.45
N LYS B 95 0.31 15.90 -4.80
CA LYS B 95 1.65 15.91 -5.41
C LYS B 95 1.68 14.77 -6.40
N PRO B 96 2.03 15.01 -7.67
CA PRO B 96 1.88 13.95 -8.66
C PRO B 96 3.09 13.03 -8.74
N ILE B 97 3.35 12.36 -7.61
CA ILE B 97 4.36 11.28 -7.59
C ILE B 97 3.86 10.22 -8.57
N PRO B 98 4.63 9.80 -9.57
CA PRO B 98 4.03 8.92 -10.57
C PRO B 98 3.81 7.49 -10.14
N ARG B 99 4.68 7.04 -9.23
CA ARG B 99 4.73 5.62 -8.82
C ARG B 99 5.50 5.56 -7.51
N ILE B 100 5.22 4.51 -6.73
CA ILE B 100 5.90 4.38 -5.42
C ILE B 100 7.40 4.23 -5.57
N SER B 101 7.88 3.63 -6.65
CA SER B 101 9.33 3.50 -6.83
C SER B 101 10.00 4.87 -7.01
N GLN B 102 9.22 5.91 -7.33
CA GLN B 102 9.76 7.28 -7.51
C GLN B 102 9.47 8.19 -6.31
N ALA B 103 8.92 7.64 -5.21
CA ALA B 103 8.84 8.43 -3.99
C ALA B 103 10.25 8.59 -3.39
N GLU B 104 10.47 9.66 -2.66
CA GLU B 104 11.78 9.96 -2.05
C GLU B 104 11.62 10.28 -0.55
N GLU B 105 12.73 10.50 0.13
CA GLU B 105 12.72 10.72 1.59
C GLU B 105 11.79 11.90 1.95
N GLU B 106 11.78 12.96 1.14
CA GLU B 106 10.92 14.14 1.37
C GLU B 106 9.44 13.75 1.42
N ASP B 107 9.08 12.59 0.89
CA ASP B 107 7.67 12.15 0.82
C ASP B 107 7.30 11.31 2.05
N GLN B 108 8.21 11.10 3.00
CA GLN B 108 7.89 10.18 4.13
C GLN B 108 6.58 10.54 4.81
N GLN B 109 6.45 11.79 5.20
N GLN B 109 6.41 11.81 5.23
CA GLN B 109 5.28 12.24 5.94
CA GLN B 109 5.22 12.19 6.02
C GLN B 109 4.03 12.03 5.10
C GLN B 109 3.99 12.05 5.12
N LEU B 110 4.11 12.44 3.84
CA LEU B 110 2.93 12.32 2.95
C LEU B 110 2.54 10.84 2.83
N LEU B 111 3.51 9.95 2.66
CA LEU B 111 3.17 8.53 2.52
C LEU B 111 2.49 8.01 3.78
N GLY B 112 2.96 8.39 4.93
CA GLY B 112 2.25 7.97 6.14
C GLY B 112 0.86 8.55 6.24
N HIS B 113 0.72 9.80 5.82
CA HIS B 113 -0.59 10.43 5.78
C HIS B 113 -1.52 9.63 4.87
N LEU B 114 -1.07 9.22 3.69
CA LEU B 114 -1.97 8.46 2.78
C LEU B 114 -2.45 7.18 3.43
N LEU B 115 -1.57 6.48 4.16
CA LEU B 115 -1.97 5.24 4.85
C LEU B 115 -2.97 5.54 5.97
N LEU B 116 -2.75 6.60 6.74
CA LEU B 116 -3.70 6.94 7.83
C LEU B 116 -5.07 7.31 7.23
N VAL B 117 -5.06 8.08 6.12
CA VAL B 117 -6.32 8.47 5.47
C VAL B 117 -6.99 7.19 4.95
N ALA B 118 -6.22 6.27 4.37
CA ALA B 118 -6.81 4.99 3.89
C ALA B 118 -7.51 4.28 5.05
N LYS B 119 -6.82 4.12 6.18
CA LYS B 119 -7.48 3.35 7.24
C LYS B 119 -8.64 4.12 7.87
N GLN B 120 -8.61 5.46 7.99
N GLN B 120 -8.52 5.47 8.02
N GLN B 120 -8.52 5.45 8.01
CA GLN B 120 -9.78 6.11 8.59
CA GLN B 120 -9.61 6.39 8.47
CA GLN B 120 -9.64 6.29 8.50
C GLN B 120 -10.94 6.05 7.57
C GLN B 120 -10.84 6.15 7.60
C GLN B 120 -10.87 6.10 7.59
N THR B 121 -10.65 6.19 6.27
CA THR B 121 -11.77 6.10 5.31
C THR B 121 -12.34 4.69 5.35
N ALA B 122 -11.51 3.66 5.48
CA ALA B 122 -12.01 2.26 5.58
C ALA B 122 -12.98 2.12 6.77
N LYS B 123 -12.64 2.75 7.89
N LYS B 123 -12.65 2.74 7.89
CA LYS B 123 -13.53 2.71 9.06
CA LYS B 123 -13.54 2.75 9.07
C LYS B 123 -14.86 3.42 8.70
C LYS B 123 -14.86 3.43 8.71
N ALA B 124 -14.78 4.59 8.04
CA ALA B 124 -15.96 5.37 7.67
C ALA B 124 -16.87 4.54 6.74
N GLU B 125 -16.27 3.73 5.88
CA GLU B 125 -16.99 2.93 4.85
C GLU B 125 -17.45 1.56 5.43
N GLY B 126 -17.27 1.34 6.73
CA GLY B 126 -17.79 0.17 7.41
C GLY B 126 -17.00 -1.10 7.12
N LEU B 127 -15.72 -1.00 6.91
CA LEU B 127 -14.84 -2.16 6.62
C LEU B 127 -14.23 -2.75 7.91
N GLY B 128 -15.03 -2.90 8.93
CA GLY B 128 -14.56 -3.43 10.23
C GLY B 128 -14.18 -4.91 10.21
N ASP B 129 -14.74 -5.71 9.32
CA ASP B 129 -14.43 -7.15 9.25
C ASP B 129 -13.18 -7.38 8.38
N GLY B 130 -12.62 -6.31 7.81
CA GLY B 130 -11.32 -6.39 7.11
C GLY B 130 -11.37 -5.82 5.70
N TYR B 131 -10.18 -5.65 5.16
CA TYR B 131 -10.00 -4.99 3.85
C TYR B 131 -8.57 -5.17 3.44
N ARG B 132 -8.24 -4.72 2.22
CA ARG B 132 -6.92 -4.84 1.67
C ARG B 132 -6.51 -3.50 1.06
N LEU B 133 -5.27 -3.10 1.31
CA LEU B 133 -4.62 -1.96 0.68
C LEU B 133 -3.63 -2.46 -0.35
N VAL B 134 -3.67 -1.88 -1.55
CA VAL B 134 -2.80 -2.31 -2.65
C VAL B 134 -2.18 -1.09 -3.32
N ILE B 135 -0.88 -1.15 -3.55
CA ILE B 135 -0.15 -0.16 -4.38
C ILE B 135 0.52 -0.94 -5.50
N ASN B 136 0.23 -0.54 -6.73
CA ASN B 136 0.82 -1.17 -7.92
C ASN B 136 1.94 -0.28 -8.45
N ASP B 137 3.07 -0.89 -8.77
CA ASP B 137 4.21 -0.19 -9.41
C ASP B 137 4.48 -0.81 -10.76
N GLY B 138 4.45 0.01 -11.82
CA GLY B 138 4.92 -0.45 -13.15
C GLY B 138 4.10 -1.51 -13.82
N LYS B 139 4.66 -2.00 -14.93
N LYS B 139 4.63 -2.03 -14.93
CA LYS B 139 4.00 -3.01 -15.80
CA LYS B 139 3.83 -2.98 -15.75
C LYS B 139 3.65 -4.25 -14.99
C LYS B 139 3.61 -4.30 -14.99
N LEU B 140 4.65 -4.82 -14.31
CA LEU B 140 4.45 -6.14 -13.68
C LEU B 140 3.53 -5.98 -12.48
N GLY B 141 3.45 -4.80 -11.89
CA GLY B 141 2.48 -4.54 -10.82
C GLY B 141 1.06 -4.32 -11.30
N ALA B 142 0.88 -4.19 -12.63
CA ALA B 142 -0.43 -3.84 -13.22
C ALA B 142 -0.84 -2.40 -12.89
N GLN B 143 0.13 -1.50 -12.75
CA GLN B 143 -0.22 -0.07 -12.53
C GLN B 143 -1.02 0.50 -13.73
N SER B 144 -2.23 1.00 -13.52
CA SER B 144 -3.10 1.49 -14.65
C SER B 144 -2.70 2.95 -15.04
N VAL B 145 -2.52 3.72 -14.03
CA VAL B 145 -2.42 5.18 -14.06
C VAL B 145 -1.11 5.56 -13.43
N TYR B 146 -0.28 6.35 -14.05
CA TYR B 146 1.01 6.79 -13.50
C TYR B 146 0.88 8.05 -12.69
N HIS B 147 0.03 7.91 -11.65
CA HIS B 147 -0.03 8.85 -10.52
C HIS B 147 -0.24 7.94 -9.31
N LEU B 148 0.58 8.04 -8.26
CA LEU B 148 0.52 7.16 -7.10
C LEU B 148 -0.91 7.08 -6.58
N HIS B 149 -1.34 5.84 -6.29
CA HIS B 149 -2.65 5.65 -5.69
C HIS B 149 -2.62 4.38 -4.84
N ILE B 150 -3.32 4.49 -3.69
CA ILE B 150 -3.58 3.30 -2.84
C ILE B 150 -5.02 2.84 -3.09
N HIS B 151 -5.15 1.61 -3.57
CA HIS B 151 -6.45 0.94 -3.62
C HIS B 151 -6.86 0.49 -2.21
N VAL B 152 -8.12 0.65 -1.91
CA VAL B 152 -8.68 0.09 -0.67
C VAL B 152 -9.89 -0.73 -1.09
N LEU B 153 -9.84 -2.05 -0.85
CA LEU B 153 -10.87 -3.00 -1.25
C LEU B 153 -11.48 -3.62 -0.02
N GLY B 154 -12.79 -3.67 0.06
CA GLY B 154 -13.49 -4.35 1.16
C GLY B 154 -14.89 -4.74 0.83
N GLY B 155 -15.59 -5.31 1.80
CA GLY B 155 -16.97 -5.73 1.61
C GLY B 155 -17.15 -7.09 0.99
N ARG B 156 -16.07 -7.78 0.68
CA ARG B 156 -16.10 -9.20 0.29
C ARG B 156 -14.84 -9.84 0.87
N GLN B 157 -14.78 -11.16 0.83
CA GLN B 157 -13.54 -11.84 1.17
C GLN B 157 -12.52 -11.59 0.06
N LEU B 158 -11.34 -11.16 0.45
CA LEU B 158 -10.24 -11.03 -0.50
C LEU B 158 -9.47 -12.35 -0.46
N GLN B 159 -8.97 -12.76 -1.63
CA GLN B 159 -8.34 -14.05 -1.86
C GLN B 159 -6.81 -13.92 -1.72
N TRP B 160 -6.16 -15.06 -1.81
CA TRP B 160 -4.69 -15.12 -1.76
C TRP B 160 -4.27 -16.16 -2.78
N PRO B 161 -3.27 -15.89 -3.62
CA PRO B 161 -2.46 -14.66 -3.67
C PRO B 161 -3.24 -13.41 -4.08
N PRO B 162 -2.62 -12.23 -3.85
CA PRO B 162 -3.26 -10.96 -4.20
C PRO B 162 -3.00 -10.59 -5.68
N GLY B 163 -3.46 -11.43 -6.56
CA GLY B 163 -3.10 -11.37 -7.97
C GLY B 163 -1.82 -12.14 -8.28
K K C . -0.93 -10.68 6.12
#